data_6FDU
#
_entry.id   6FDU
#
_cell.length_a   44.080
_cell.length_b   57.093
_cell.length_c   116.381
_cell.angle_alpha   90.00
_cell.angle_beta   96.00
_cell.angle_gamma   90.00
#
_symmetry.space_group_name_H-M   'P 1 21 1'
#
loop_
_entity.id
_entity.type
_entity.pdbx_description
1 polymer 'Deubiquitinase and deneddylase Dub1'
2 non-polymer 'CHLORIDE ION'
3 non-polymer (2~{S},3~{S})-2-[[(2~{S})-2-[3,5-bis(chloranyl)phenyl]-2-(dimethylamino)ethanoyl]amino]-~{N}-[[2-(iminomethyl)pyrimidin-4-yl]methyl]-3-methyl-pentanamide
4 water water
#
_entity_poly.entity_id   1
_entity_poly.type   'polypeptide(L)'
_entity_poly.pdbx_seq_one_letter_code
;MKHHHHHHSAGLEVLFQGPRRQTIEALVPAWDSDIIFKCLCYFHTLYPGLIPLETFPPATIFNFKQKIISILEDKKAVLR
GEPIKGPLPICCSKENYRRHLQRTTLLPVFMWYHPTPKTLSDTMQTMKQLAIKGSVGASHWLLVIVDIQARRLVYFDSLY
NYVMPPENMKKELQSFAQQLDQVYPAYDSKKFSVKIAAKEVIQRGSGSSCGAWCCQFLHWYLKDPLTDALNDLPVDSVER
HENLASFVQACEAAVQDLPELSWPEA
;
_entity_poly.pdbx_strand_id   A,B
#
loop_
_chem_comp.id
_chem_comp.type
_chem_comp.name
_chem_comp.formula
CL non-polymer 'CHLORIDE ION' 'Cl -1'
D5W non-polymer (2~{S},3~{S})-2-[[(2~{S})-2-[3,5-bis(chloranyl)phenyl]-2-(dimethylamino)ethanoyl]amino]-~{N}-[[2-(iminomethyl)pyrimidin-4-yl]methyl]-3-methyl-pentanamide 'C22 H28 Cl2 N6 O2'
#
# COMPACT_ATOMS: atom_id res chain seq x y z
N LEU A 27 -21.77 -10.51 -9.70
CA LEU A 27 -22.33 -11.88 -10.05
C LEU A 27 -21.28 -12.98 -9.73
N VAL A 28 -20.68 -12.88 -8.53
CA VAL A 28 -19.75 -13.88 -7.88
C VAL A 28 -19.58 -13.47 -6.40
N PRO A 29 -20.54 -13.84 -5.51
CA PRO A 29 -20.88 -13.02 -4.34
C PRO A 29 -19.97 -13.24 -3.11
N ALA A 30 -20.30 -12.55 -2.01
CA ALA A 30 -19.49 -12.46 -0.80
C ALA A 30 -19.55 -13.76 0.05
N TRP A 31 -18.39 -14.43 0.12
CA TRP A 31 -18.07 -15.46 1.09
C TRP A 31 -17.82 -14.85 2.49
N ASP A 32 -18.74 -15.09 3.43
CA ASP A 32 -18.58 -14.69 4.84
C ASP A 32 -17.74 -15.75 5.58
N SER A 33 -17.54 -15.52 6.89
CA SER A 33 -16.74 -16.37 7.72
C SER A 33 -17.29 -17.81 7.75
N ASP A 34 -18.61 -18.00 7.69
CA ASP A 34 -19.25 -19.33 7.66
C ASP A 34 -18.72 -20.17 6.50
N ILE A 35 -18.81 -19.64 5.28
CA ILE A 35 -18.58 -20.49 4.15
C ILE A 35 -17.07 -20.63 3.98
N ILE A 36 -16.29 -19.65 4.41
CA ILE A 36 -14.81 -19.82 4.42
C ILE A 36 -14.42 -20.99 5.36
N PHE A 37 -15.08 -21.08 6.53
CA PHE A 37 -14.76 -22.07 7.49
C PHE A 37 -15.06 -23.44 6.89
N LYS A 38 -16.20 -23.56 6.21
CA LYS A 38 -16.60 -24.86 5.68
C LYS A 38 -15.64 -25.30 4.60
N CYS A 39 -15.23 -24.36 3.77
CA CYS A 39 -14.33 -24.63 2.70
C CYS A 39 -12.97 -25.15 3.24
N LEU A 40 -12.52 -24.58 4.37
CA LEU A 40 -11.31 -25.01 5.04
C LEU A 40 -11.50 -26.45 5.58
N CYS A 41 -12.65 -26.76 6.22
CA CYS A 41 -12.90 -28.10 6.64
C CYS A 41 -12.75 -29.07 5.44
N TYR A 42 -13.28 -28.67 4.30
CA TYR A 42 -13.24 -29.53 3.12
C TYR A 42 -11.80 -29.69 2.66
N PHE A 43 -11.04 -28.60 2.67
CA PHE A 43 -9.61 -28.61 2.26
C PHE A 43 -8.82 -29.52 3.19
N HIS A 44 -9.18 -29.59 4.47
CA HIS A 44 -8.55 -30.53 5.42
C HIS A 44 -8.75 -31.97 4.94
N THR A 45 -9.98 -32.33 4.52
CA THR A 45 -10.20 -33.70 4.15
C THR A 45 -9.38 -34.03 2.91
N LEU A 46 -9.01 -33.03 2.11
CA LEU A 46 -8.17 -33.33 0.94
C LEU A 46 -6.70 -33.32 1.34
N TYR A 47 -6.34 -32.36 2.21
CA TYR A 47 -4.97 -32.14 2.62
C TYR A 47 -4.92 -32.09 4.14
N PRO A 48 -4.69 -33.25 4.79
CA PRO A 48 -4.84 -33.33 6.25
C PRO A 48 -3.87 -32.43 7.00
N GLY A 49 -2.79 -32.02 6.35
CA GLY A 49 -1.81 -31.17 6.97
C GLY A 49 -2.38 -29.80 7.30
N LEU A 50 -3.45 -29.41 6.64
CA LEU A 50 -4.09 -28.12 6.89
C LEU A 50 -4.99 -28.23 8.11
N ILE A 51 -4.84 -27.34 9.07
CA ILE A 51 -5.72 -27.29 10.21
C ILE A 51 -6.81 -26.26 9.93
N PRO A 52 -8.09 -26.65 10.01
CA PRO A 52 -9.17 -25.75 9.61
C PRO A 52 -9.57 -24.75 10.70
N LEU A 53 -8.70 -23.76 10.94
CA LEU A 53 -8.87 -22.74 11.96
C LEU A 53 -10.17 -21.96 11.74
N GLU A 54 -10.86 -21.71 12.84
CA GLU A 54 -12.10 -20.99 12.84
C GLU A 54 -11.84 -19.55 12.42
N THR A 55 -12.94 -18.93 11.93
CA THR A 55 -12.98 -17.60 11.33
C THR A 55 -13.96 -16.69 12.06
N PHE A 56 -14.46 -17.14 13.22
CA PHE A 56 -15.47 -16.48 14.04
C PHE A 56 -15.09 -16.65 15.50
N PRO A 57 -14.50 -15.64 16.16
CA PRO A 57 -14.14 -14.35 15.62
C PRO A 57 -12.77 -14.46 14.96
N PRO A 58 -12.52 -13.71 13.86
CA PRO A 58 -11.38 -13.98 13.00
C PRO A 58 -10.17 -13.27 13.60
N ALA A 59 -9.00 -13.61 13.06
CA ALA A 59 -7.79 -12.93 13.29
C ALA A 59 -7.90 -11.56 12.62
N THR A 60 -7.12 -10.59 13.12
CA THR A 60 -7.06 -9.24 12.60
C THR A 60 -5.59 -8.87 12.46
N ILE A 61 -5.33 -7.71 11.88
CA ILE A 61 -4.00 -7.15 11.74
C ILE A 61 -3.36 -6.96 13.12
N PHE A 62 -4.18 -6.82 14.17
CA PHE A 62 -3.64 -6.46 15.47
C PHE A 62 -3.24 -7.71 16.24
N ASN A 63 -3.86 -8.86 15.98
CA ASN A 63 -3.60 -10.02 16.85
C ASN A 63 -3.21 -11.30 16.06
N PHE A 64 -3.04 -11.23 14.74
CA PHE A 64 -2.74 -12.45 13.98
C PHE A 64 -1.38 -13.06 14.40
N LYS A 65 -0.41 -12.23 14.79
CA LYS A 65 0.90 -12.74 15.25
C LYS A 65 0.76 -13.54 16.54
N GLN A 66 0.06 -12.99 17.53
CA GLN A 66 -0.21 -13.63 18.81
C GLN A 66 -0.97 -14.95 18.54
N LYS A 67 -1.95 -14.92 17.64
CA LYS A 67 -2.76 -16.10 17.37
C LYS A 67 -1.88 -17.22 16.81
N ILE A 68 -0.97 -16.87 15.90
CA ILE A 68 -0.09 -17.87 15.30
C ILE A 68 0.88 -18.46 16.34
N ILE A 69 1.50 -17.59 17.12
CA ILE A 69 2.48 -17.98 18.13
C ILE A 69 1.78 -18.94 19.08
N SER A 70 0.56 -18.58 19.43
CA SER A 70 -0.17 -19.34 20.40
C SER A 70 -0.52 -20.75 19.85
N ILE A 71 -0.75 -20.87 18.54
CA ILE A 71 -1.03 -22.15 17.97
C ILE A 71 0.24 -22.99 17.92
N LEU A 72 1.36 -22.37 17.55
CA LEU A 72 2.58 -23.12 17.46
C LEU A 72 3.10 -23.52 18.87
N GLU A 73 2.81 -22.74 19.91
CA GLU A 73 3.19 -23.15 21.27
C GLU A 73 2.37 -24.38 21.67
N ASP A 74 1.12 -24.43 21.23
CA ASP A 74 0.24 -25.54 21.49
C ASP A 74 0.65 -26.77 20.69
N LYS A 75 1.16 -26.59 19.48
CA LYS A 75 1.71 -27.71 18.74
C LYS A 75 2.90 -28.31 19.51
N LYS A 76 3.85 -27.45 19.90
CA LYS A 76 5.06 -27.88 20.69
C LYS A 76 4.62 -28.65 21.96
N ALA A 77 3.61 -28.15 22.68
CA ALA A 77 3.14 -28.77 23.88
C ALA A 77 2.60 -30.18 23.59
N VAL A 78 1.87 -30.33 22.49
CA VAL A 78 1.25 -31.56 22.15
C VAL A 78 2.34 -32.53 21.71
N LEU A 79 3.34 -32.06 20.96
CA LEU A 79 4.50 -32.90 20.60
C LEU A 79 5.23 -33.47 21.83
N ARG A 80 5.10 -32.86 23.00
CA ARG A 80 5.76 -33.27 24.22
C ARG A 80 4.81 -34.07 25.13
N GLY A 81 3.58 -34.35 24.67
CA GLY A 81 2.55 -34.95 25.52
C GLY A 81 2.11 -34.05 26.69
N GLU A 82 2.19 -32.72 26.55
CA GLU A 82 1.83 -31.73 27.57
C GLU A 82 0.38 -31.26 27.35
N PRO A 83 -0.32 -30.75 28.38
CA PRO A 83 -1.53 -29.96 28.14
C PRO A 83 -1.29 -28.70 27.26
N ILE A 84 -2.39 -28.22 26.64
CA ILE A 84 -2.38 -27.02 25.84
C ILE A 84 -2.94 -25.85 26.65
N LYS A 85 -2.59 -24.63 26.25
CA LYS A 85 -3.12 -23.40 26.85
C LYS A 85 -4.21 -22.81 25.92
N GLY A 86 -3.77 -21.99 24.93
CA GLY A 86 -4.65 -21.30 23.96
C GLY A 86 -5.98 -22.05 23.88
N PRO A 87 -7.13 -21.37 23.70
CA PRO A 87 -8.43 -21.97 24.04
C PRO A 87 -8.89 -22.94 22.93
N LEU A 88 -9.78 -23.87 23.27
CA LEU A 88 -10.47 -24.74 22.31
C LEU A 88 -11.19 -23.89 21.26
N PRO A 89 -11.13 -24.29 19.95
CA PRO A 89 -12.07 -23.77 18.95
C PRO A 89 -13.48 -24.23 19.35
N ILE A 90 -14.50 -23.42 19.04
CA ILE A 90 -15.85 -23.67 19.56
C ILE A 90 -16.39 -25.02 19.06
N CYS A 91 -16.06 -25.40 17.82
CA CYS A 91 -16.70 -26.55 17.13
C CYS A 91 -15.82 -27.82 17.10
N CYS A 92 -14.89 -27.93 18.06
CA CYS A 92 -13.89 -28.98 18.09
C CYS A 92 -13.75 -29.51 19.51
N SER A 93 -13.65 -30.83 19.63
CA SER A 93 -13.41 -31.48 20.89
C SER A 93 -11.91 -31.37 21.24
N LYS A 94 -11.61 -31.55 22.54
CA LYS A 94 -10.23 -31.37 23.02
C LYS A 94 -9.33 -32.42 22.34
N GLU A 95 -9.80 -33.66 22.26
CA GLU A 95 -8.97 -34.80 21.81
C GLU A 95 -8.68 -34.57 20.33
N ASN A 96 -9.68 -34.14 19.56
CA ASN A 96 -9.58 -33.91 18.12
C ASN A 96 -8.65 -32.73 17.83
N TYR A 97 -8.79 -31.64 18.60
CA TYR A 97 -7.91 -30.48 18.43
C TYR A 97 -6.44 -30.90 18.61
N ARG A 98 -6.18 -31.71 19.64
CA ARG A 98 -4.81 -32.21 19.89
C ARG A 98 -4.29 -32.97 18.67
N ARG A 99 -5.16 -33.75 18.04
CA ARG A 99 -4.74 -34.57 16.91
C ARG A 99 -4.44 -33.65 15.74
N HIS A 100 -5.24 -32.59 15.56
CA HIS A 100 -4.97 -31.64 14.51
C HIS A 100 -3.63 -30.96 14.72
N LEU A 101 -3.37 -30.53 15.96
CA LEU A 101 -2.18 -29.82 16.26
C LEU A 101 -0.95 -30.68 16.02
N GLN A 102 -1.02 -31.98 16.41
CA GLN A 102 -0.01 -33.02 16.14
C GLN A 102 0.30 -33.11 14.64
N ARG A 103 -0.74 -33.26 13.81
CA ARG A 103 -0.65 -33.55 12.35
C ARG A 103 -0.28 -32.26 11.55
N THR A 104 -0.71 -31.08 11.99
CA THR A 104 -0.75 -29.94 11.07
C THR A 104 0.66 -29.50 10.64
N THR A 105 0.71 -29.11 9.37
CA THR A 105 1.91 -28.63 8.72
C THR A 105 1.64 -27.30 8.05
N LEU A 106 0.43 -26.75 8.24
CA LEU A 106 -0.01 -25.57 7.53
C LEU A 106 -1.19 -24.87 8.24
N LEU A 107 -0.99 -23.60 8.65
CA LEU A 107 -2.03 -22.82 9.32
C LEU A 107 -2.58 -21.84 8.31
N PRO A 108 -3.89 -21.90 7.95
CA PRO A 108 -4.54 -20.90 7.09
C PRO A 108 -5.21 -19.81 7.95
N VAL A 109 -4.51 -18.69 8.11
CA VAL A 109 -4.99 -17.66 8.93
C VAL A 109 -5.69 -16.59 8.10
N PHE A 110 -6.98 -16.51 8.29
CA PHE A 110 -7.82 -15.60 7.62
C PHE A 110 -7.94 -14.34 8.47
N MET A 111 -7.63 -13.20 7.88
CA MET A 111 -7.60 -11.94 8.60
CA MET A 111 -7.63 -11.96 8.61
C MET A 111 -8.73 -11.04 8.08
N TRP A 112 -9.59 -10.56 8.97
CA TRP A 112 -10.62 -9.63 8.64
C TRP A 112 -10.08 -8.21 8.92
N TYR A 113 -10.11 -7.33 7.93
CA TYR A 113 -9.59 -5.99 8.06
C TYR A 113 -10.64 -4.96 7.62
N HIS A 114 -10.58 -3.82 8.29
CA HIS A 114 -11.28 -2.62 7.92
C HIS A 114 -10.33 -1.46 8.15
N PRO A 115 -10.25 -0.45 7.26
CA PRO A 115 -9.34 0.67 7.48
C PRO A 115 -9.60 1.63 8.66
N THR A 116 -10.83 1.78 9.14
CA THR A 116 -11.09 2.79 10.14
C THR A 116 -10.63 2.36 11.54
N PRO A 117 -11.00 1.19 12.10
CA PRO A 117 -10.64 0.86 13.50
C PRO A 117 -9.12 0.79 13.77
N LYS A 118 -8.69 1.34 14.90
CA LYS A 118 -7.27 1.51 15.19
C LYS A 118 -6.75 0.48 16.20
N THR A 119 -7.63 -0.39 16.75
CA THR A 119 -7.28 -1.43 17.75
C THR A 119 -8.00 -2.76 17.47
N LEU A 120 -7.67 -3.77 18.25
CA LEU A 120 -8.40 -5.03 18.25
C LEU A 120 -9.83 -4.77 18.72
N SER A 121 -9.96 -4.05 19.83
CA SER A 121 -11.26 -3.83 20.46
C SER A 121 -12.20 -3.13 19.47
N ASP A 122 -11.68 -2.13 18.75
CA ASP A 122 -12.47 -1.35 17.81
C ASP A 122 -12.69 -2.17 16.52
N THR A 123 -11.67 -2.92 16.06
CA THR A 123 -11.88 -3.81 14.91
C THR A 123 -13.03 -4.78 15.20
N MET A 124 -13.01 -5.42 16.38
CA MET A 124 -14.07 -6.38 16.77
C MET A 124 -15.44 -5.71 16.79
N GLN A 125 -15.50 -4.54 17.42
CA GLN A 125 -16.71 -3.79 17.59
C GLN A 125 -17.23 -3.43 16.18
N THR A 126 -16.35 -2.98 15.27
CA THR A 126 -16.73 -2.55 13.88
C THR A 126 -17.34 -3.71 13.09
N MET A 127 -16.68 -4.87 13.14
CA MET A 127 -17.07 -6.11 12.47
C MET A 127 -18.44 -6.58 12.96
N LYS A 128 -18.64 -6.56 14.29
CA LYS A 128 -19.93 -6.92 14.92
C LYS A 128 -21.04 -5.99 14.42
N GLN A 129 -20.69 -4.73 14.17
CA GLN A 129 -21.65 -3.69 13.74
C GLN A 129 -22.07 -3.93 12.30
N LEU A 130 -21.11 -4.18 11.41
CA LEU A 130 -21.43 -4.42 10.03
C LEU A 130 -22.18 -5.75 9.89
N ALA A 131 -21.86 -6.73 10.74
CA ALA A 131 -22.46 -8.11 10.69
C ALA A 131 -23.93 -8.06 11.13
N ILE A 132 -24.19 -7.42 12.28
CA ILE A 132 -25.55 -7.16 12.85
C ILE A 132 -26.41 -6.28 11.91
N LYS A 133 -25.79 -5.52 10.99
CA LYS A 133 -26.49 -4.77 9.90
C LYS A 133 -26.54 -5.57 8.58
N GLY A 134 -25.87 -6.73 8.56
CA GLY A 134 -25.50 -7.48 7.35
C GLY A 134 -24.89 -6.65 6.22
N SER A 135 -24.28 -5.48 6.50
CA SER A 135 -23.61 -4.72 5.40
C SER A 135 -22.12 -5.11 5.31
N VAL A 136 -21.50 -4.73 4.17
CA VAL A 136 -20.14 -5.17 3.70
C VAL A 136 -19.06 -4.16 4.12
N GLY A 137 -19.26 -2.93 3.65
CA GLY A 137 -18.38 -1.79 3.90
C GLY A 137 -17.10 -1.85 3.07
N ALA A 138 -16.13 -1.15 3.59
CA ALA A 138 -14.74 -1.24 3.18
C ALA A 138 -14.01 -2.47 3.78
N SER A 139 -14.74 -3.45 4.32
CA SER A 139 -14.11 -4.60 4.96
C SER A 139 -13.52 -5.55 3.91
N HIS A 140 -12.59 -6.39 4.35
CA HIS A 140 -11.75 -7.11 3.42
C HIS A 140 -11.13 -8.31 4.11
N TRP A 141 -10.85 -9.37 3.36
CA TRP A 141 -10.20 -10.56 3.86
C TRP A 141 -8.78 -10.60 3.30
N LEU A 142 -7.86 -10.89 4.22
CA LEU A 142 -6.51 -11.28 3.85
C LEU A 142 -6.22 -12.69 4.36
N LEU A 143 -5.21 -13.29 3.74
CA LEU A 143 -4.82 -14.59 4.13
C LEU A 143 -3.33 -14.58 4.40
N VAL A 144 -2.97 -15.08 5.59
CA VAL A 144 -1.61 -15.49 5.83
C VAL A 144 -1.53 -17.00 6.02
N ILE A 145 -0.71 -17.63 5.18
CA ILE A 145 -0.40 -18.97 5.28
C ILE A 145 0.90 -19.14 6.06
N VAL A 146 0.83 -19.88 7.15
CA VAL A 146 2.04 -20.37 7.83
C VAL A 146 2.35 -21.82 7.39
N ASP A 147 3.28 -21.97 6.48
CA ASP A 147 3.67 -23.27 6.04
C ASP A 147 4.82 -23.76 6.92
N ILE A 148 4.52 -24.63 7.87
CA ILE A 148 5.48 -25.17 8.88
C ILE A 148 6.53 -26.06 8.20
N GLN A 149 6.14 -26.89 7.24
CA GLN A 149 7.11 -27.80 6.59
C GLN A 149 8.19 -26.96 5.88
N ALA A 150 7.78 -26.02 5.04
CA ALA A 150 8.69 -25.26 4.23
C ALA A 150 9.29 -24.10 5.02
N ARG A 151 8.68 -23.77 6.17
CA ARG A 151 9.06 -22.64 7.02
C ARG A 151 8.95 -21.35 6.19
N ARG A 152 7.74 -21.12 5.67
CA ARG A 152 7.40 -20.01 4.75
C ARG A 152 6.11 -19.32 5.23
N LEU A 153 6.19 -17.99 5.37
CA LEU A 153 5.01 -17.16 5.56
C LEU A 153 4.58 -16.60 4.21
N VAL A 154 3.31 -16.84 3.82
CA VAL A 154 2.83 -16.31 2.58
C VAL A 154 1.68 -15.35 2.89
N TYR A 155 1.79 -14.14 2.35
CA TYR A 155 0.80 -13.14 2.50
C TYR A 155 0.07 -12.87 1.18
N PHE A 156 -1.25 -13.07 1.20
CA PHE A 156 -2.10 -12.92 0.04
C PHE A 156 -3.15 -11.84 0.30
N ASP A 157 -3.02 -10.75 -0.45
CA ASP A 157 -4.03 -9.67 -0.49
C ASP A 157 -4.55 -9.52 -1.93
N SER A 158 -5.83 -9.85 -2.14
CA SER A 158 -6.40 -9.80 -3.47
C SER A 158 -6.49 -8.35 -3.97
N LEU A 159 -6.38 -7.35 -3.06
CA LEU A 159 -6.35 -5.97 -3.47
C LEU A 159 -4.93 -5.38 -3.42
N TYR A 160 -3.88 -6.21 -3.34
CA TYR A 160 -2.46 -5.82 -3.49
C TYR A 160 -1.91 -4.99 -2.32
N ASN A 161 -2.49 -3.83 -2.06
CA ASN A 161 -2.00 -2.93 -0.99
C ASN A 161 -3.16 -2.37 -0.17
N TYR A 162 -4.12 -3.18 0.25
CA TYR A 162 -5.29 -2.63 0.94
C TYR A 162 -4.93 -2.18 2.36
N VAL A 163 -4.00 -2.87 2.99
CA VAL A 163 -3.61 -2.62 4.33
C VAL A 163 -2.42 -1.67 4.36
N MET A 164 -1.44 -1.97 3.50
CA MET A 164 -0.15 -1.22 3.48
C MET A 164 0.63 -1.69 2.26
N PRO A 165 1.68 -1.01 1.82
CA PRO A 165 2.37 -1.41 0.61
C PRO A 165 2.97 -2.78 0.89
N PRO A 166 3.13 -3.62 -0.15
CA PRO A 166 3.73 -4.93 0.04
C PRO A 166 5.16 -4.88 0.60
N GLU A 167 6.00 -3.91 0.23
CA GLU A 167 7.39 -4.01 0.74
CA GLU A 167 7.41 -3.90 0.74
C GLU A 167 7.37 -3.74 2.27
N ASN A 168 6.37 -3.02 2.77
CA ASN A 168 6.28 -2.76 4.22
C ASN A 168 5.73 -3.98 4.94
N MET A 169 4.72 -4.63 4.36
CA MET A 169 4.24 -5.91 4.93
C MET A 169 5.39 -6.94 4.96
N LYS A 170 6.22 -6.97 3.90
CA LYS A 170 7.34 -7.87 3.84
C LYS A 170 8.24 -7.64 5.05
N LYS A 171 8.63 -6.39 5.32
CA LYS A 171 9.55 -6.14 6.42
C LYS A 171 8.88 -6.52 7.75
N GLU A 172 7.60 -6.21 7.90
CA GLU A 172 6.94 -6.50 9.13
C GLU A 172 6.90 -8.01 9.37
N LEU A 173 6.74 -8.76 8.28
CA LEU A 173 6.62 -10.20 8.37
C LEU A 173 7.99 -10.85 8.53
N GLN A 174 9.07 -10.23 8.01
CA GLN A 174 10.42 -10.73 8.24
C GLN A 174 10.77 -10.64 9.74
N SER A 175 10.34 -9.57 10.44
CA SER A 175 10.57 -9.46 11.88
CA SER A 175 10.58 -9.46 11.89
C SER A 175 9.81 -10.56 12.60
N PHE A 176 8.60 -10.82 12.09
CA PHE A 176 7.73 -11.79 12.72
C PHE A 176 8.34 -13.17 12.58
N ALA A 177 8.93 -13.37 11.40
CA ALA A 177 9.57 -14.58 11.03
C ALA A 177 10.77 -14.88 11.94
N GLN A 178 11.46 -13.84 12.40
CA GLN A 178 12.51 -14.08 13.36
C GLN A 178 11.93 -14.44 14.73
N GLN A 179 10.78 -13.89 15.15
CA GLN A 179 10.19 -14.40 16.40
C GLN A 179 9.85 -15.90 16.24
N LEU A 180 9.33 -16.31 15.07
CA LEU A 180 8.92 -17.73 14.89
C LEU A 180 10.13 -18.67 14.90
N ASP A 181 11.29 -18.18 14.42
CA ASP A 181 12.53 -18.95 14.56
C ASP A 181 12.80 -19.29 16.03
N GLN A 182 12.53 -18.39 16.97
CA GLN A 182 12.70 -18.69 18.41
C GLN A 182 11.55 -19.55 18.91
N VAL A 183 10.33 -19.21 18.52
CA VAL A 183 9.17 -19.88 19.11
C VAL A 183 9.09 -21.33 18.63
N TYR A 184 9.50 -21.56 17.37
CA TYR A 184 9.30 -22.83 16.73
C TYR A 184 10.52 -23.18 15.89
N PRO A 185 11.62 -23.55 16.58
CA PRO A 185 12.89 -23.75 15.92
C PRO A 185 12.82 -24.98 15.05
N ALA A 186 13.64 -24.94 14.00
CA ALA A 186 13.94 -26.10 13.16
C ALA A 186 15.10 -26.89 13.77
N TYR A 187 15.25 -28.14 13.35
CA TYR A 187 16.35 -29.00 13.76
C TYR A 187 17.68 -28.32 13.43
N ASP A 188 17.79 -27.70 12.25
CA ASP A 188 19.05 -27.13 11.70
C ASP A 188 19.04 -25.60 11.57
N SER A 189 18.21 -24.86 12.29
CA SER A 189 18.28 -23.29 12.23
C SER A 189 17.95 -22.68 10.84
N LYS A 190 17.31 -23.45 9.97
CA LYS A 190 16.72 -22.98 8.74
C LYS A 190 15.69 -21.92 9.13
N LYS A 191 15.73 -20.78 8.45
CA LYS A 191 14.95 -19.65 8.91
C LYS A 191 13.63 -19.56 8.15
N PHE A 192 12.56 -19.18 8.84
CA PHE A 192 11.32 -18.78 8.15
C PHE A 192 11.61 -17.67 7.13
N SER A 193 11.10 -17.85 5.91
CA SER A 193 11.20 -16.92 4.80
C SER A 193 9.79 -16.37 4.52
N VAL A 194 9.71 -15.28 3.75
CA VAL A 194 8.51 -14.55 3.57
C VAL A 194 8.27 -14.38 2.07
N LYS A 195 6.99 -14.52 1.69
CA LYS A 195 6.60 -14.31 0.32
C LYS A 195 5.34 -13.45 0.30
N ILE A 196 5.40 -12.37 -0.46
CA ILE A 196 4.23 -11.57 -0.79
C ILE A 196 3.70 -12.10 -2.13
N ALA A 197 2.50 -12.67 -2.12
CA ALA A 197 1.98 -13.45 -3.30
C ALA A 197 1.57 -12.56 -4.46
N ALA A 198 0.77 -11.51 -4.20
CA ALA A 198 0.21 -10.65 -5.28
C ALA A 198 1.18 -9.54 -5.66
N LYS A 199 1.59 -9.53 -6.94
CA LYS A 199 2.41 -8.50 -7.57
C LYS A 199 1.54 -7.37 -8.11
N GLU A 200 0.23 -7.59 -8.25
CA GLU A 200 -0.73 -6.58 -8.77
C GLU A 200 -2.09 -6.75 -8.07
N VAL A 201 -3.03 -5.85 -8.31
CA VAL A 201 -4.37 -6.08 -7.84
C VAL A 201 -4.87 -7.28 -8.63
N ILE A 202 -5.45 -8.25 -7.90
CA ILE A 202 -5.92 -9.51 -8.45
C ILE A 202 -7.45 -9.40 -8.69
N GLN A 203 -8.17 -8.95 -7.66
CA GLN A 203 -9.63 -8.73 -7.62
C GLN A 203 -9.91 -7.39 -8.30
N ARG A 204 -10.03 -7.42 -9.64
CA ARG A 204 -10.21 -6.24 -10.54
C ARG A 204 -11.72 -5.98 -10.72
N GLY A 205 -12.19 -4.78 -10.36
CA GLY A 205 -13.56 -4.32 -10.57
C GLY A 205 -14.62 -5.22 -9.94
N SER A 206 -14.33 -5.77 -8.77
CA SER A 206 -15.25 -6.61 -8.01
C SER A 206 -15.23 -6.14 -6.56
N GLY A 207 -16.40 -5.93 -5.96
CA GLY A 207 -16.45 -5.46 -4.57
C GLY A 207 -16.38 -6.60 -3.55
N SER A 208 -16.75 -7.81 -3.95
CA SER A 208 -17.24 -8.81 -2.96
C SER A 208 -16.46 -10.15 -2.96
N SER A 209 -15.46 -10.32 -3.83
CA SER A 209 -14.92 -11.63 -4.15
C SER A 209 -13.65 -11.99 -3.32
N CYS A 210 -13.39 -11.29 -2.22
CA CYS A 210 -12.09 -11.33 -1.57
C CYS A 210 -11.98 -12.66 -0.84
N GLY A 211 -13.06 -13.07 -0.16
CA GLY A 211 -13.13 -14.35 0.49
C GLY A 211 -12.82 -15.50 -0.47
N ALA A 212 -13.58 -15.58 -1.58
CA ALA A 212 -13.36 -16.59 -2.59
C ALA A 212 -11.92 -16.59 -3.12
N TRP A 213 -11.36 -15.40 -3.36
CA TRP A 213 -10.02 -15.32 -3.92
C TRP A 213 -9.06 -15.96 -2.93
N CYS A 214 -9.31 -15.75 -1.63
CA CYS A 214 -8.40 -16.22 -0.59
C CYS A 214 -8.36 -17.76 -0.60
N CYS A 215 -9.54 -18.37 -0.68
CA CYS A 215 -9.71 -19.79 -0.73
C CYS A 215 -9.18 -20.35 -2.05
N GLN A 216 -9.32 -19.61 -3.16
CA GLN A 216 -8.73 -20.06 -4.45
C GLN A 216 -7.19 -20.11 -4.30
N PHE A 217 -6.61 -19.01 -3.82
CA PHE A 217 -5.18 -18.99 -3.68
C PHE A 217 -4.73 -20.13 -2.74
N LEU A 218 -5.40 -20.27 -1.59
CA LEU A 218 -5.07 -21.35 -0.69
C LEU A 218 -5.10 -22.70 -1.45
N HIS A 219 -6.14 -22.94 -2.23
CA HIS A 219 -6.25 -24.27 -2.91
C HIS A 219 -5.06 -24.43 -3.86
N TRP A 220 -4.69 -23.33 -4.59
CA TRP A 220 -3.56 -23.44 -5.50
C TRP A 220 -2.29 -23.87 -4.71
N TYR A 221 -2.16 -23.29 -3.52
CA TYR A 221 -0.98 -23.42 -2.73
C TYR A 221 -0.92 -24.86 -2.22
N LEU A 222 -2.07 -25.37 -1.79
CA LEU A 222 -2.10 -26.76 -1.33
C LEU A 222 -1.73 -27.69 -2.49
N LYS A 223 -2.20 -27.41 -3.73
CA LYS A 223 -1.90 -28.24 -4.90
C LYS A 223 -0.40 -28.20 -5.21
N ASP A 224 0.21 -27.03 -4.95
CA ASP A 224 1.60 -26.73 -5.39
C ASP A 224 2.10 -25.51 -4.62
N PRO A 225 2.89 -25.70 -3.55
CA PRO A 225 3.39 -24.56 -2.79
C PRO A 225 4.29 -23.60 -3.58
N LEU A 226 4.77 -23.97 -4.76
CA LEU A 226 5.52 -23.01 -5.60
C LEU A 226 4.64 -22.56 -6.77
N THR A 227 3.32 -22.46 -6.50
CA THR A 227 2.29 -22.12 -7.50
C THR A 227 2.63 -20.76 -8.13
N ASP A 228 2.64 -20.71 -9.46
CA ASP A 228 2.78 -19.47 -10.20
C ASP A 228 1.41 -19.01 -10.72
N ALA A 229 0.32 -19.52 -10.13
CA ALA A 229 -1.01 -19.36 -10.73
C ALA A 229 -1.40 -17.88 -10.84
N LEU A 230 -0.88 -17.01 -9.94
CA LEU A 230 -1.23 -15.58 -9.98
C LEU A 230 -0.59 -14.86 -11.20
N ASN A 231 0.64 -15.21 -11.58
CA ASN A 231 1.26 -14.67 -12.80
C ASN A 231 0.52 -15.20 -14.05
N ASP A 232 -0.11 -16.38 -13.96
CA ASP A 232 -0.70 -17.06 -15.15
C ASP A 232 -2.18 -16.67 -15.35
N LEU A 233 -2.66 -15.63 -14.66
CA LEU A 233 -4.08 -15.25 -14.75
C LEU A 233 -4.39 -14.59 -16.08
N PRO A 234 -5.66 -14.67 -16.54
CA PRO A 234 -6.08 -13.90 -17.71
C PRO A 234 -6.11 -12.42 -17.31
N VAL A 235 -5.81 -11.54 -18.28
CA VAL A 235 -5.82 -10.09 -18.05
C VAL A 235 -7.27 -9.61 -17.85
N ASP A 236 -8.14 -10.11 -18.72
CA ASP A 236 -9.56 -9.79 -18.75
C ASP A 236 -10.13 -10.08 -17.35
N SER A 237 -10.63 -9.03 -16.70
CA SER A 237 -11.15 -9.13 -15.36
C SER A 237 -12.40 -10.03 -15.30
N VAL A 238 -13.20 -10.03 -16.36
CA VAL A 238 -14.45 -10.76 -16.37
C VAL A 238 -14.15 -12.26 -16.45
N GLU A 239 -13.26 -12.66 -17.38
CA GLU A 239 -12.82 -14.07 -17.61
C GLU A 239 -12.28 -14.70 -16.30
N ARG A 240 -11.36 -13.96 -15.69
CA ARG A 240 -10.78 -14.19 -14.38
C ARG A 240 -11.87 -14.52 -13.34
N HIS A 241 -12.93 -13.70 -13.28
CA HIS A 241 -14.00 -13.84 -12.30
C HIS A 241 -14.96 -14.98 -12.68
N GLU A 242 -15.01 -15.36 -13.96
CA GLU A 242 -15.77 -16.57 -14.38
C GLU A 242 -15.08 -17.84 -13.85
N ASN A 243 -13.78 -17.96 -14.05
CA ASN A 243 -12.94 -19.10 -13.53
C ASN A 243 -13.12 -19.17 -12.01
N LEU A 244 -13.21 -17.99 -11.38
CA LEU A 244 -13.39 -17.96 -9.93
C LEU A 244 -14.80 -18.43 -9.57
N ALA A 245 -15.81 -18.00 -10.33
CA ALA A 245 -17.18 -18.47 -10.17
C ALA A 245 -17.23 -20.00 -10.30
N SER A 246 -16.46 -20.60 -11.24
CA SER A 246 -16.31 -22.08 -11.38
C SER A 246 -15.77 -22.71 -10.08
N PHE A 247 -14.61 -22.20 -9.69
CA PHE A 247 -14.05 -22.68 -8.50
C PHE A 247 -15.09 -22.63 -7.37
N VAL A 248 -15.81 -21.51 -7.25
CA VAL A 248 -16.80 -21.32 -6.17
C VAL A 248 -17.90 -22.39 -6.23
N GLN A 249 -18.42 -22.70 -7.41
CA GLN A 249 -19.49 -23.73 -7.55
C GLN A 249 -18.98 -25.11 -7.17
N ALA A 250 -17.75 -25.44 -7.60
CA ALA A 250 -17.19 -26.73 -7.26
C ALA A 250 -17.04 -26.81 -5.74
N CYS A 251 -16.60 -25.75 -5.10
CA CYS A 251 -16.53 -25.77 -3.62
C CYS A 251 -17.93 -25.91 -2.99
N GLU A 252 -18.93 -25.19 -3.50
CA GLU A 252 -20.26 -25.20 -2.88
C GLU A 252 -20.89 -26.60 -3.00
N ALA A 253 -20.60 -27.31 -4.10
CA ALA A 253 -21.09 -28.70 -4.34
C ALA A 253 -20.43 -29.65 -3.34
N ALA A 254 -19.12 -29.50 -3.15
CA ALA A 254 -18.35 -30.43 -2.32
C ALA A 254 -18.68 -30.26 -0.83
N VAL A 255 -19.14 -29.10 -0.39
CA VAL A 255 -19.38 -28.87 1.02
C VAL A 255 -20.86 -29.01 1.34
N GLN A 256 -21.70 -29.30 0.34
CA GLN A 256 -23.14 -29.31 0.55
C GLN A 256 -23.52 -30.33 1.63
N ASP A 257 -22.93 -31.52 1.59
CA ASP A 257 -23.35 -32.62 2.46
C ASP A 257 -22.58 -32.67 3.79
N LEU A 258 -21.45 -31.93 3.86
CA LEU A 258 -20.46 -31.99 4.96
C LEU A 258 -21.10 -31.40 6.21
N PRO A 259 -20.75 -31.93 7.40
CA PRO A 259 -21.41 -31.50 8.63
C PRO A 259 -21.18 -30.01 8.94
N GLU A 260 -22.20 -29.42 9.57
CA GLU A 260 -22.28 -27.99 9.87
C GLU A 260 -21.61 -27.73 11.23
N LEU A 261 -20.77 -26.68 11.26
CA LEU A 261 -20.17 -26.13 12.50
C LEU A 261 -19.50 -27.27 13.29
N SER A 262 -18.60 -27.97 12.60
CA SER A 262 -18.09 -29.23 13.09
C SER A 262 -16.76 -29.55 12.43
N TRP A 263 -15.72 -29.64 13.26
CA TRP A 263 -14.42 -29.96 12.75
C TRP A 263 -14.36 -31.40 12.26
N PRO A 264 -13.66 -31.65 11.14
CA PRO A 264 -13.38 -33.01 10.70
C PRO A 264 -12.45 -33.61 11.76
N GLU A 265 -12.47 -34.93 11.87
CA GLU A 265 -11.68 -35.68 12.77
C GLU A 265 -10.30 -35.89 12.13
N ALA A 266 -9.23 -35.45 12.80
CA ALA A 266 -7.86 -35.70 12.29
C ALA A 266 -7.41 -37.11 12.70
N VAL B 28 -5.85 2.46 -19.97
CA VAL B 28 -6.00 3.80 -19.27
C VAL B 28 -4.88 3.92 -18.22
N PRO B 29 -3.66 4.41 -18.58
CA PRO B 29 -2.42 4.04 -17.91
C PRO B 29 -2.09 4.77 -16.60
N ALA B 30 -0.96 4.38 -15.99
CA ALA B 30 -0.38 5.07 -14.83
C ALA B 30 0.51 6.24 -15.29
N TRP B 31 0.42 7.34 -14.54
CA TRP B 31 1.09 8.63 -14.82
C TRP B 31 2.61 8.58 -14.54
N ASP B 32 3.39 8.61 -15.61
CA ASP B 32 4.87 8.68 -15.57
C ASP B 32 5.30 10.15 -15.50
N SER B 33 6.62 10.41 -15.54
CA SER B 33 7.19 11.71 -15.42
C SER B 33 6.69 12.64 -16.55
N ASP B 34 6.42 12.12 -17.74
CA ASP B 34 6.02 13.02 -18.87
C ASP B 34 4.62 13.59 -18.61
N ILE B 35 3.67 12.76 -18.22
CA ILE B 35 2.31 13.20 -17.98
C ILE B 35 2.28 14.12 -16.75
N ILE B 36 3.08 13.80 -15.71
CA ILE B 36 3.10 14.64 -14.53
C ILE B 36 3.61 16.05 -14.91
N PHE B 37 4.63 16.11 -15.79
CA PHE B 37 5.20 17.34 -16.16
C PHE B 37 4.17 18.19 -16.91
N LYS B 38 3.42 17.56 -17.83
CA LYS B 38 2.40 18.28 -18.58
C LYS B 38 1.31 18.81 -17.67
N CYS B 39 0.90 18.01 -16.70
CA CYS B 39 -0.12 18.40 -15.79
C CYS B 39 0.33 19.62 -14.94
N LEU B 40 1.63 19.69 -14.64
CA LEU B 40 2.21 20.82 -13.92
C LEU B 40 2.20 22.07 -14.82
N CYS B 41 2.60 21.93 -16.08
CA CYS B 41 2.51 23.08 -16.99
C CYS B 41 1.05 23.58 -17.03
N TYR B 42 0.11 22.66 -17.03
CA TYR B 42 -1.30 23.07 -17.11
C TYR B 42 -1.71 23.78 -15.82
N PHE B 43 -1.26 23.27 -14.68
CA PHE B 43 -1.53 23.91 -13.38
C PHE B 43 -0.94 25.32 -13.32
N HIS B 44 0.19 25.53 -14.01
CA HIS B 44 0.79 26.88 -14.07
C HIS B 44 -0.18 27.83 -14.77
N THR B 45 -0.76 27.42 -15.91
CA THR B 45 -1.64 28.29 -16.62
C THR B 45 -2.87 28.59 -15.75
N LEU B 46 -3.24 27.76 -14.79
CA LEU B 46 -4.33 28.11 -13.91
C LEU B 46 -3.84 28.96 -12.73
N TYR B 47 -2.66 28.61 -12.19
CA TYR B 47 -2.13 29.22 -10.99
C TYR B 47 -0.69 29.62 -11.23
N PRO B 48 -0.45 30.85 -11.75
CA PRO B 48 0.87 31.21 -12.27
C PRO B 48 1.95 31.20 -11.19
N GLY B 49 1.57 31.25 -9.93
CA GLY B 49 2.51 31.16 -8.84
C GLY B 49 3.19 29.82 -8.74
N LEU B 50 2.64 28.78 -9.32
CA LEU B 50 3.27 27.47 -9.38
C LEU B 50 4.32 27.44 -10.48
N ILE B 51 5.54 27.05 -10.18
CA ILE B 51 6.57 26.88 -11.16
C ILE B 51 6.57 25.40 -11.57
N PRO B 52 6.41 25.10 -12.87
CA PRO B 52 6.31 23.73 -13.31
C PRO B 52 7.64 22.96 -13.42
N LEU B 53 8.23 22.60 -12.28
CA LEU B 53 9.59 22.01 -12.25
C LEU B 53 9.59 20.69 -13.01
N GLU B 54 10.66 20.45 -13.76
CA GLU B 54 10.79 19.23 -14.52
C GLU B 54 10.85 18.01 -13.59
N THR B 55 10.49 16.86 -14.17
CA THR B 55 10.37 15.56 -13.47
C THR B 55 11.35 14.51 -14.04
N PHE B 56 12.24 14.94 -14.94
N PHE B 56 12.15 14.82 -15.08
CA PHE B 56 13.18 14.15 -15.70
CA PHE B 56 13.25 13.92 -15.49
C PHE B 56 14.53 14.89 -15.76
C PHE B 56 14.52 14.72 -15.80
N PRO B 57 15.58 14.54 -14.98
CA PRO B 57 15.56 13.53 -13.94
C PRO B 57 14.92 14.07 -12.67
N PRO B 58 14.17 13.24 -11.91
CA PRO B 58 13.34 13.75 -10.82
C PRO B 58 14.24 13.87 -9.61
N ALA B 59 13.77 14.61 -8.63
CA ALA B 59 14.27 14.69 -7.33
C ALA B 59 14.11 13.31 -6.67
N THR B 60 15.00 13.03 -5.70
CA THR B 60 14.94 11.81 -4.95
C THR B 60 15.04 12.16 -3.47
N ILE B 61 14.92 11.14 -2.62
CA ILE B 61 15.06 11.28 -1.18
C ILE B 61 16.43 11.80 -0.85
N PHE B 62 17.41 11.54 -1.71
CA PHE B 62 18.80 11.86 -1.43
C PHE B 62 19.14 13.31 -1.76
N ASN B 63 18.46 13.95 -2.70
CA ASN B 63 18.91 15.27 -3.15
C ASN B 63 17.79 16.31 -3.20
N PHE B 64 16.58 16.00 -2.75
CA PHE B 64 15.48 16.97 -2.90
C PHE B 64 15.74 18.22 -2.07
N LYS B 65 16.45 18.08 -0.94
CA LYS B 65 16.76 19.29 -0.09
C LYS B 65 17.69 20.24 -0.86
N GLN B 66 18.76 19.71 -1.43
CA GLN B 66 19.76 20.46 -2.19
C GLN B 66 19.05 21.11 -3.40
N LYS B 67 18.13 20.38 -4.03
CA LYS B 67 17.43 20.88 -5.21
C LYS B 67 16.60 22.12 -4.80
N ILE B 68 15.90 22.02 -3.67
CA ILE B 68 15.03 23.10 -3.21
C ILE B 68 15.87 24.32 -2.84
N ILE B 69 16.95 24.10 -2.08
CA ILE B 69 17.80 25.18 -1.63
C ILE B 69 18.30 25.91 -2.88
N SER B 70 18.70 25.12 -3.86
CA SER B 70 19.32 25.63 -5.04
C SER B 70 18.33 26.49 -5.87
N ILE B 71 17.05 26.11 -5.88
CA ILE B 71 16.04 26.88 -6.58
C ILE B 71 15.80 28.18 -5.83
N LEU B 72 15.72 28.09 -4.51
CA LEU B 72 15.39 29.29 -3.74
C LEU B 72 16.55 30.30 -3.77
N GLU B 73 17.80 29.83 -3.86
CA GLU B 73 18.92 30.74 -3.96
C GLU B 73 18.87 31.45 -5.30
N ASP B 74 18.42 30.75 -6.32
CA ASP B 74 18.24 31.30 -7.67
C ASP B 74 17.11 32.35 -7.68
N LYS B 75 16.05 32.13 -6.93
CA LYS B 75 14.99 33.12 -6.83
C LYS B 75 15.55 34.39 -6.15
N LYS B 76 16.29 34.22 -5.04
CA LYS B 76 16.91 35.34 -4.30
C LYS B 76 17.81 36.16 -5.26
N ALA B 77 18.62 35.47 -6.08
CA ALA B 77 19.51 36.10 -7.03
C ALA B 77 18.71 36.87 -8.06
N VAL B 78 17.57 36.31 -8.51
CA VAL B 78 16.79 36.94 -9.56
C VAL B 78 16.15 38.20 -8.95
N LEU B 79 15.68 38.11 -7.72
CA LEU B 79 15.07 39.28 -7.04
C LEU B 79 16.06 40.42 -6.86
N ARG B 80 17.37 40.16 -6.93
CA ARG B 80 18.41 41.19 -6.81
C ARG B 80 18.92 41.64 -8.18
N GLY B 81 18.34 41.15 -9.27
CA GLY B 81 18.83 41.41 -10.60
C GLY B 81 20.16 40.73 -10.89
N GLU B 82 20.47 39.60 -10.24
CA GLU B 82 21.77 38.88 -10.36
C GLU B 82 21.60 37.70 -11.32
N PRO B 83 22.67 37.21 -11.98
CA PRO B 83 22.62 35.89 -12.61
C PRO B 83 22.39 34.74 -11.62
N ILE B 84 21.95 33.62 -12.18
CA ILE B 84 21.61 32.42 -11.44
C ILE B 84 22.75 31.39 -11.60
N LYS B 85 22.77 30.41 -10.71
CA LYS B 85 23.69 29.26 -10.81
C LYS B 85 22.91 28.05 -11.35
N GLY B 86 22.28 27.26 -10.45
CA GLY B 86 21.55 26.02 -10.76
C GLY B 86 21.24 26.00 -12.24
N PRO B 87 21.26 24.83 -12.93
CA PRO B 87 21.30 24.80 -14.39
C PRO B 87 19.89 25.08 -14.97
N LEU B 88 19.83 25.51 -16.23
CA LEU B 88 18.54 25.65 -16.96
C LEU B 88 17.81 24.31 -16.99
N PRO B 89 16.47 24.31 -16.80
CA PRO B 89 15.64 23.17 -17.16
C PRO B 89 15.73 22.98 -18.68
N ILE B 90 15.65 21.72 -19.14
CA ILE B 90 15.92 21.37 -20.52
C ILE B 90 14.92 22.08 -21.44
N CYS B 91 13.66 22.21 -21.02
CA CYS B 91 12.54 22.62 -21.92
C CYS B 91 12.11 24.10 -21.69
N CYS B 92 13.00 24.92 -21.14
CA CYS B 92 12.71 26.30 -20.78
C CYS B 92 13.84 27.20 -21.25
N SER B 93 13.52 28.39 -21.70
CA SER B 93 14.57 29.33 -22.07
C SER B 93 15.08 30.05 -20.79
N LYS B 94 16.25 30.65 -20.92
CA LYS B 94 16.92 31.43 -19.88
C LYS B 94 15.96 32.53 -19.41
N GLU B 95 15.40 33.28 -20.37
CA GLU B 95 14.60 34.48 -20.06
C GLU B 95 13.33 34.05 -19.30
N ASN B 96 12.71 32.95 -19.75
CA ASN B 96 11.45 32.48 -19.22
C ASN B 96 11.67 31.91 -17.81
N TYR B 97 12.76 31.16 -17.63
CA TYR B 97 13.12 30.60 -16.30
C TYR B 97 13.29 31.72 -15.27
N ARG B 98 13.97 32.80 -15.68
CA ARG B 98 14.12 33.98 -14.75
C ARG B 98 12.74 34.50 -14.35
N ARG B 99 11.82 34.58 -15.31
CA ARG B 99 10.50 35.15 -15.02
C ARG B 99 9.77 34.19 -14.09
N HIS B 100 9.93 32.86 -14.30
CA HIS B 100 9.29 31.91 -13.43
C HIS B 100 9.80 32.10 -11.99
N LEU B 101 11.12 32.21 -11.85
CA LEU B 101 11.71 32.29 -10.52
C LEU B 101 11.26 33.56 -9.81
N GLN B 102 11.17 34.68 -10.55
CA GLN B 102 10.59 35.98 -10.10
C GLN B 102 9.20 35.78 -9.52
N ARG B 103 8.33 35.13 -10.30
CA ARG B 103 6.86 35.06 -10.07
C ARG B 103 6.54 33.99 -9.00
N THR B 104 7.30 32.90 -8.94
CA THR B 104 6.77 31.71 -8.25
C THR B 104 6.61 31.93 -6.74
N THR B 105 5.56 31.29 -6.24
CA THR B 105 5.21 31.28 -4.85
C THR B 105 5.04 29.85 -4.37
N LEU B 106 5.34 28.88 -5.22
CA LEU B 106 5.05 27.47 -4.93
C LEU B 106 5.90 26.52 -5.78
N LEU B 107 6.69 25.65 -5.13
CA LEU B 107 7.54 24.72 -5.82
C LEU B 107 6.88 23.35 -5.64
N PRO B 108 6.46 22.67 -6.74
CA PRO B 108 5.95 21.30 -6.67
C PRO B 108 7.04 20.27 -6.94
N VAL B 109 7.60 19.70 -5.87
CA VAL B 109 8.76 18.85 -6.03
C VAL B 109 8.30 17.39 -6.01
N PHE B 110 8.42 16.75 -7.16
CA PHE B 110 8.04 15.41 -7.33
C PHE B 110 9.24 14.56 -7.07
N MET B 111 9.07 13.55 -6.21
CA MET B 111 10.20 12.74 -5.76
C MET B 111 9.93 11.29 -6.20
N TRP B 112 10.87 10.70 -6.91
CA TRP B 112 10.82 9.34 -7.30
C TRP B 112 11.57 8.52 -6.25
N TYR B 113 10.93 7.53 -5.65
CA TYR B 113 11.50 6.71 -4.58
C TYR B 113 11.38 5.22 -4.91
N HIS B 114 12.38 4.46 -4.48
CA HIS B 114 12.36 3.01 -4.44
C HIS B 114 13.05 2.58 -3.16
N PRO B 115 12.56 1.56 -2.42
CA PRO B 115 13.23 1.13 -1.20
C PRO B 115 14.65 0.55 -1.28
N THR B 116 15.05 -0.06 -2.39
CA THR B 116 16.31 -0.78 -2.40
C THR B 116 17.50 0.19 -2.53
N PRO B 117 17.57 1.10 -3.53
CA PRO B 117 18.82 1.84 -3.76
C PRO B 117 19.25 2.76 -2.62
N LYS B 118 20.56 2.82 -2.34
CA LYS B 118 21.05 3.44 -1.08
C LYS B 118 21.76 4.79 -1.30
N THR B 119 21.85 5.25 -2.56
CA THR B 119 22.43 6.56 -2.96
C THR B 119 21.61 7.19 -4.11
N LEU B 120 22.00 8.40 -4.49
CA LEU B 120 21.46 9.03 -5.67
C LEU B 120 21.83 8.21 -6.92
N SER B 121 23.11 7.85 -7.04
CA SER B 121 23.60 7.20 -8.24
C SER B 121 22.85 5.88 -8.48
N ASP B 122 22.59 5.14 -7.38
CA ASP B 122 21.89 3.85 -7.46
C ASP B 122 20.39 4.07 -7.67
N THR B 123 19.79 5.08 -7.02
CA THR B 123 18.38 5.42 -7.31
C THR B 123 18.22 5.70 -8.83
N MET B 124 19.11 6.51 -9.40
CA MET B 124 19.01 6.88 -10.84
C MET B 124 19.10 5.61 -11.70
N GLN B 125 20.08 4.77 -11.41
CA GLN B 125 20.30 3.60 -12.18
C GLN B 125 19.06 2.68 -12.05
N THR B 126 18.48 2.57 -10.85
CA THR B 126 17.29 1.69 -10.59
C THR B 126 16.08 2.11 -11.42
N MET B 127 15.86 3.43 -11.48
CA MET B 127 14.78 4.06 -12.19
C MET B 127 14.86 3.77 -13.70
N LYS B 128 16.07 3.90 -14.26
CA LYS B 128 16.35 3.58 -15.68
C LYS B 128 16.04 2.11 -15.96
N GLN B 129 16.24 1.25 -14.95
CA GLN B 129 16.04 -0.21 -15.10
C GLN B 129 14.55 -0.53 -15.17
N LEU B 130 13.77 0.03 -14.26
CA LEU B 130 12.35 -0.24 -14.18
C LEU B 130 11.64 0.38 -15.40
N ALA B 131 12.21 1.46 -15.98
CA ALA B 131 11.70 2.10 -17.25
C ALA B 131 11.64 1.11 -18.44
N ILE B 132 12.77 0.43 -18.71
CA ILE B 132 12.91 -0.71 -19.66
C ILE B 132 11.94 -1.88 -19.31
N LYS B 133 11.50 -2.01 -18.04
CA LYS B 133 10.91 -3.29 -17.49
C LYS B 133 9.38 -3.25 -17.31
N GLY B 134 8.82 -4.43 -16.97
CA GLY B 134 7.41 -4.68 -16.58
C GLY B 134 7.22 -4.91 -15.07
N SER B 135 6.34 -5.89 -14.70
CA SER B 135 5.67 -6.14 -13.32
C SER B 135 4.76 -4.96 -12.88
N VAL B 136 4.72 -4.60 -11.58
CA VAL B 136 4.15 -3.28 -11.09
C VAL B 136 5.24 -2.48 -10.34
N GLY B 137 5.97 -3.15 -9.46
CA GLY B 137 7.23 -2.64 -8.95
C GLY B 137 7.06 -1.93 -7.61
N ALA B 138 8.18 -1.66 -6.98
CA ALA B 138 8.15 -1.07 -5.63
C ALA B 138 8.37 0.44 -5.72
N SER B 139 8.48 1.00 -6.92
CA SER B 139 8.75 2.42 -7.07
C SER B 139 7.50 3.25 -6.75
N HIS B 140 7.73 4.55 -6.48
CA HIS B 140 6.68 5.36 -5.95
C HIS B 140 6.95 6.84 -6.19
N TRP B 141 5.89 7.63 -6.33
CA TRP B 141 5.98 9.07 -6.39
C TRP B 141 5.58 9.69 -5.05
N LEU B 142 6.44 10.61 -4.57
CA LEU B 142 6.04 11.50 -3.49
C LEU B 142 6.04 12.95 -3.96
N LEU B 143 5.32 13.76 -3.18
CA LEU B 143 5.26 15.14 -3.49
C LEU B 143 5.64 15.94 -2.25
N VAL B 144 6.59 16.84 -2.42
CA VAL B 144 6.81 17.87 -1.44
C VAL B 144 6.51 19.21 -2.08
N ILE B 145 5.56 19.90 -1.46
CA ILE B 145 5.21 21.18 -1.82
C ILE B 145 5.99 22.15 -0.90
N VAL B 146 6.77 23.03 -1.53
CA VAL B 146 7.31 24.22 -0.85
C VAL B 146 6.42 25.43 -1.12
N ASP B 147 5.53 25.73 -0.18
CA ASP B 147 4.69 26.87 -0.32
C ASP B 147 5.42 28.11 0.26
N ILE B 148 5.95 28.95 -0.64
CA ILE B 148 6.78 30.15 -0.28
C ILE B 148 5.90 31.20 0.41
N GLN B 149 4.68 31.44 -0.08
CA GLN B 149 3.80 32.44 0.49
C GLN B 149 3.47 32.08 1.93
N ALA B 150 2.98 30.87 2.18
CA ALA B 150 2.54 30.48 3.51
C ALA B 150 3.74 30.08 4.38
N ARG B 151 4.89 29.83 3.76
CA ARG B 151 6.08 29.31 4.41
C ARG B 151 5.76 27.95 5.07
N ARG B 152 5.33 27.02 4.22
CA ARG B 152 4.88 25.67 4.64
C ARG B 152 5.55 24.61 3.73
N LEU B 153 6.13 23.58 4.33
CA LEU B 153 6.47 22.36 3.63
C LEU B 153 5.36 21.32 3.82
N VAL B 154 4.79 20.85 2.71
CA VAL B 154 3.79 19.82 2.75
C VAL B 154 4.33 18.55 2.12
N TYR B 155 4.31 17.46 2.87
CA TYR B 155 4.76 16.17 2.41
C TYR B 155 3.56 15.25 2.21
N PHE B 156 3.39 14.79 0.97
CA PHE B 156 2.27 13.96 0.57
C PHE B 156 2.80 12.63 0.07
N ASP B 157 2.48 11.59 0.84
CA ASP B 157 2.68 10.19 0.46
C ASP B 157 1.34 9.46 0.39
N SER B 158 0.90 9.06 -0.80
CA SER B 158 -0.39 8.34 -0.94
C SER B 158 -0.40 7.00 -0.21
N LEU B 159 0.81 6.47 0.14
CA LEU B 159 0.93 5.19 0.85
C LEU B 159 1.20 5.45 2.32
N TYR B 160 1.07 6.71 2.79
CA TYR B 160 1.11 7.08 4.24
C TYR B 160 2.53 6.97 4.81
N ASN B 161 3.15 5.79 4.77
CA ASN B 161 4.44 5.63 5.43
C ASN B 161 5.44 4.80 4.63
N TYR B 162 5.56 5.02 3.33
CA TYR B 162 6.35 4.09 2.51
C TYR B 162 7.87 4.32 2.68
N VAL B 163 8.27 5.56 2.95
CA VAL B 163 9.70 5.88 3.05
C VAL B 163 10.17 5.72 4.49
N MET B 164 9.36 6.19 5.42
CA MET B 164 9.63 6.07 6.88
C MET B 164 8.35 6.49 7.60
N PRO B 165 8.21 6.24 8.91
CA PRO B 165 6.99 6.67 9.61
C PRO B 165 6.82 8.18 9.47
N PRO B 166 5.58 8.68 9.44
CA PRO B 166 5.35 10.12 9.26
C PRO B 166 5.98 10.96 10.39
N GLU B 167 5.99 10.51 11.64
CA GLU B 167 6.59 11.30 12.74
CA GLU B 167 6.57 11.40 12.69
C GLU B 167 8.07 11.57 12.43
N ASN B 168 8.74 10.56 11.81
CA ASN B 168 10.17 10.69 11.51
C ASN B 168 10.40 11.64 10.36
N MET B 169 9.58 11.55 9.30
CA MET B 169 9.69 12.47 8.18
C MET B 169 9.44 13.91 8.67
N LYS B 170 8.46 14.08 9.56
CA LYS B 170 8.14 15.41 10.10
C LYS B 170 9.39 16.01 10.75
N LYS B 171 10.09 15.25 11.62
CA LYS B 171 11.23 15.76 12.31
C LYS B 171 12.33 16.10 11.30
N GLU B 172 12.53 15.24 10.31
CA GLU B 172 13.59 15.47 9.37
C GLU B 172 13.28 16.73 8.56
N LEU B 173 11.98 16.98 8.31
CA LEU B 173 11.57 18.14 7.54
C LEU B 173 11.58 19.40 8.40
N GLN B 174 11.34 19.29 9.71
CA GLN B 174 11.52 20.48 10.62
C GLN B 174 12.99 20.94 10.67
N SER B 175 13.95 20.01 10.61
CA SER B 175 15.38 20.41 10.55
CA SER B 175 15.36 20.44 10.57
C SER B 175 15.65 21.13 9.23
N PHE B 176 15.02 20.64 8.17
CA PHE B 176 15.23 21.18 6.87
C PHE B 176 14.65 22.58 6.84
N ALA B 177 13.51 22.73 7.52
CA ALA B 177 12.78 23.95 7.54
C ALA B 177 13.60 25.04 8.24
N GLN B 178 14.42 24.65 9.22
CA GLN B 178 15.32 25.64 9.84
C GLN B 178 16.42 26.08 8.87
N GLN B 179 16.95 25.19 8.01
CA GLN B 179 17.88 25.70 6.98
C GLN B 179 17.19 26.71 6.08
N LEU B 180 15.93 26.44 5.69
CA LEU B 180 15.20 27.36 4.77
C LEU B 180 14.95 28.73 5.40
N ASP B 181 14.81 28.77 6.74
CA ASP B 181 14.63 30.03 7.40
C ASP B 181 15.88 30.87 7.17
N GLN B 182 17.07 30.25 7.17
CA GLN B 182 18.33 30.99 6.86
C GLN B 182 18.40 31.32 5.37
N VAL B 183 18.11 30.34 4.52
CA VAL B 183 18.42 30.52 3.12
C VAL B 183 17.40 31.44 2.47
N TYR B 184 16.18 31.46 2.99
CA TYR B 184 15.11 32.23 2.38
C TYR B 184 14.29 32.93 3.46
N PRO B 185 14.86 33.96 4.15
CA PRO B 185 14.20 34.56 5.29
C PRO B 185 12.96 35.34 4.86
N ALA B 186 12.03 35.41 5.80
CA ALA B 186 10.81 36.19 5.65
C ALA B 186 11.01 37.61 6.14
N TYR B 187 10.12 38.51 5.71
CA TYR B 187 10.14 39.92 6.11
C TYR B 187 10.13 39.99 7.65
N ASP B 188 9.28 39.19 8.30
CA ASP B 188 9.09 39.23 9.80
C ASP B 188 9.60 37.99 10.54
N SER B 189 10.51 37.21 9.98
CA SER B 189 11.09 36.01 10.69
C SER B 189 10.05 34.91 11.05
N LYS B 190 8.88 34.93 10.39
CA LYS B 190 7.93 33.86 10.44
C LYS B 190 8.63 32.59 9.94
N LYS B 191 8.46 31.50 10.68
CA LYS B 191 9.23 30.31 10.40
C LYS B 191 8.45 29.32 9.54
N PHE B 192 9.17 28.68 8.61
CA PHE B 192 8.63 27.55 7.87
C PHE B 192 8.14 26.50 8.86
N SER B 193 6.93 26.02 8.58
CA SER B 193 6.26 25.00 9.32
C SER B 193 6.14 23.77 8.41
N VAL B 194 5.82 22.62 9.02
CA VAL B 194 5.77 21.39 8.26
C VAL B 194 4.41 20.74 8.46
N LYS B 195 3.87 20.26 7.35
CA LYS B 195 2.68 19.44 7.42
C LYS B 195 2.88 18.11 6.72
N ILE B 196 2.55 17.04 7.45
CA ILE B 196 2.41 15.72 6.88
C ILE B 196 0.93 15.58 6.48
N ALA B 197 0.70 15.44 5.16
CA ALA B 197 -0.68 15.57 4.60
C ALA B 197 -1.53 14.33 4.91
N ALA B 198 -0.97 13.14 4.69
CA ALA B 198 -1.71 11.86 4.83
C ALA B 198 -1.66 11.36 6.29
N LYS B 199 -2.84 11.17 6.89
CA LYS B 199 -3.01 10.64 8.26
C LYS B 199 -3.27 9.13 8.23
N GLU B 200 -3.64 8.61 7.06
CA GLU B 200 -3.89 7.18 6.80
C GLU B 200 -3.51 6.87 5.34
N VAL B 201 -3.51 5.58 4.97
CA VAL B 201 -3.24 5.23 3.63
C VAL B 201 -4.37 5.82 2.79
N ILE B 202 -3.98 6.49 1.69
CA ILE B 202 -4.91 7.14 0.78
C ILE B 202 -5.19 6.20 -0.40
N GLN B 203 -4.12 5.70 -1.03
CA GLN B 203 -4.11 4.78 -2.18
C GLN B 203 -4.21 3.35 -1.65
N ARG B 204 -5.41 2.89 -1.40
CA ARG B 204 -5.73 1.57 -0.84
CA ARG B 204 -5.65 1.55 -0.87
C ARG B 204 -6.25 0.72 -2.00
N GLY B 205 -5.69 -0.45 -2.28
CA GLY B 205 -6.29 -1.26 -3.33
C GLY B 205 -6.13 -0.70 -4.73
N SER B 206 -5.04 0.03 -4.97
CA SER B 206 -4.64 0.43 -6.33
C SER B 206 -3.13 0.32 -6.39
N GLY B 207 -2.53 -0.27 -7.42
CA GLY B 207 -1.10 -0.39 -7.49
C GLY B 207 -0.43 0.79 -8.18
N SER B 208 -1.19 1.57 -8.96
CA SER B 208 -0.60 2.33 -10.07
C SER B 208 -0.85 3.84 -10.00
N SER B 209 -1.61 4.32 -9.01
CA SER B 209 -2.27 5.61 -9.05
C SER B 209 -1.51 6.70 -8.26
N CYS B 210 -0.22 6.51 -8.00
CA CYS B 210 0.45 7.38 -7.02
C CYS B 210 0.74 8.74 -7.68
N GLY B 211 1.16 8.73 -8.93
CA GLY B 211 1.29 9.94 -9.72
C GLY B 211 0.02 10.79 -9.71
N ALA B 212 -1.10 10.18 -10.14
CA ALA B 212 -2.37 10.86 -10.19
C ALA B 212 -2.77 11.39 -8.81
N TRP B 213 -2.54 10.61 -7.74
CA TRP B 213 -2.88 11.06 -6.40
C TRP B 213 -2.11 12.33 -6.09
N CYS B 214 -0.85 12.36 -6.52
CA CYS B 214 0.03 13.49 -6.19
C CYS B 214 -0.50 14.77 -6.85
N CYS B 215 -0.86 14.63 -8.14
CA CYS B 215 -1.44 15.75 -8.92
C CYS B 215 -2.82 16.13 -8.37
N GLN B 216 -3.58 15.16 -7.85
CA GLN B 216 -4.90 15.47 -7.26
C GLN B 216 -4.69 16.30 -6.01
N PHE B 217 -3.84 15.80 -5.13
CA PHE B 217 -3.59 16.52 -3.89
C PHE B 217 -3.07 17.92 -4.26
N LEU B 218 -2.07 18.02 -5.15
CA LEU B 218 -1.55 19.31 -5.55
C LEU B 218 -2.70 20.22 -6.00
N HIS B 219 -3.61 19.71 -6.82
CA HIS B 219 -4.69 20.57 -7.37
C HIS B 219 -5.54 21.07 -6.19
N TRP B 220 -5.82 20.17 -5.22
CA TRP B 220 -6.65 20.58 -4.07
C TRP B 220 -5.95 21.71 -3.31
N TYR B 221 -4.64 21.58 -3.21
CA TYR B 221 -3.87 22.47 -2.42
C TYR B 221 -3.83 23.84 -3.11
N LEU B 222 -3.70 23.83 -4.44
CA LEU B 222 -3.73 25.05 -5.18
C LEU B 222 -5.08 25.73 -5.00
N LYS B 223 -6.17 24.96 -4.99
CA LYS B 223 -7.52 25.51 -4.86
C LYS B 223 -7.75 26.08 -3.47
N ASP B 224 -7.07 25.51 -2.48
CA ASP B 224 -7.29 25.77 -1.04
C ASP B 224 -6.12 25.23 -0.23
N PRO B 225 -5.14 26.06 0.15
CA PRO B 225 -4.00 25.58 0.91
C PRO B 225 -4.35 25.04 2.30
N LEU B 226 -5.55 25.32 2.84
CA LEU B 226 -5.97 24.69 4.09
C LEU B 226 -7.01 23.61 3.80
N THR B 227 -6.80 22.94 2.66
CA THR B 227 -7.68 21.89 2.10
C THR B 227 -7.74 20.79 3.15
N ASP B 228 -8.95 20.39 3.50
CA ASP B 228 -9.14 19.23 4.35
C ASP B 228 -9.55 18.04 3.47
N ALA B 229 -9.25 18.09 2.18
CA ALA B 229 -9.87 17.18 1.20
C ALA B 229 -9.52 15.72 1.50
N LEU B 230 -8.32 15.46 2.07
CA LEU B 230 -7.90 14.10 2.40
C LEU B 230 -8.72 13.49 3.54
N ASN B 231 -9.03 14.27 4.55
CA ASN B 231 -9.81 13.83 5.73
CA ASN B 231 -9.76 13.77 5.68
C ASN B 231 -11.25 13.60 5.28
N ASP B 232 -11.69 14.29 4.22
CA ASP B 232 -13.10 14.22 3.77
C ASP B 232 -13.34 13.10 2.74
N LEU B 233 -12.34 12.29 2.41
CA LEU B 233 -12.50 11.32 1.33
C LEU B 233 -13.54 10.28 1.70
N PRO B 234 -14.11 9.56 0.70
CA PRO B 234 -14.99 8.44 1.01
C PRO B 234 -14.13 7.31 1.57
N VAL B 235 -14.69 6.51 2.47
CA VAL B 235 -13.97 5.36 3.04
C VAL B 235 -13.84 4.27 1.98
N ASP B 236 -14.91 4.08 1.22
CA ASP B 236 -14.98 3.13 0.09
C ASP B 236 -13.79 3.40 -0.86
N SER B 237 -12.91 2.42 -0.98
CA SER B 237 -11.74 2.55 -1.79
C SER B 237 -12.10 2.69 -3.27
N VAL B 238 -13.18 2.02 -3.70
CA VAL B 238 -13.54 1.97 -5.08
C VAL B 238 -14.04 3.35 -5.51
N GLU B 239 -14.95 3.93 -4.72
CA GLU B 239 -15.55 5.28 -4.94
C GLU B 239 -14.45 6.37 -5.10
N ARG B 240 -13.56 6.40 -4.12
CA ARG B 240 -12.35 7.17 -4.05
C ARG B 240 -11.57 7.11 -5.39
N HIS B 241 -11.34 5.89 -5.91
CA HIS B 241 -10.55 5.68 -7.13
C HIS B 241 -11.34 6.05 -8.39
N GLU B 242 -12.68 6.03 -8.32
CA GLU B 242 -13.53 6.50 -9.41
C GLU B 242 -13.38 8.03 -9.55
N ASN B 243 -13.52 8.77 -8.41
CA ASN B 243 -13.36 10.22 -8.35
C ASN B 243 -11.99 10.58 -8.93
N LEU B 244 -11.00 9.76 -8.60
CA LEU B 244 -9.65 10.02 -9.10
C LEU B 244 -9.58 9.77 -10.60
N ALA B 245 -10.19 8.67 -11.06
CA ALA B 245 -10.29 8.36 -12.52
C ALA B 245 -10.93 9.54 -13.29
N SER B 246 -11.96 10.19 -12.70
CA SER B 246 -12.58 11.44 -13.24
C SER B 246 -11.57 12.59 -13.33
N PHE B 247 -11.00 12.90 -12.18
CA PHE B 247 -10.00 13.92 -12.15
C PHE B 247 -8.97 13.62 -13.26
N VAL B 248 -8.51 12.37 -13.40
CA VAL B 248 -7.49 12.05 -14.41
C VAL B 248 -8.00 12.32 -15.85
N GLN B 249 -9.25 11.96 -16.17
CA GLN B 249 -9.81 12.27 -17.51
C GLN B 249 -9.92 13.78 -17.76
N ALA B 250 -10.35 14.54 -16.75
CA ALA B 250 -10.46 15.97 -16.89
C ALA B 250 -9.07 16.54 -17.16
N CYS B 251 -8.05 16.07 -16.47
CA CYS B 251 -6.70 16.54 -16.77
C CYS B 251 -6.26 16.13 -18.18
N GLU B 252 -6.54 14.91 -18.61
CA GLU B 252 -6.07 14.46 -19.92
C GLU B 252 -6.72 15.27 -21.04
N ALA B 253 -7.99 15.66 -20.85
CA ALA B 253 -8.77 16.49 -21.82
C ALA B 253 -8.16 17.90 -21.88
N ALA B 254 -7.84 18.45 -20.71
CA ALA B 254 -7.33 19.81 -20.59
C ALA B 254 -5.93 19.97 -21.19
N VAL B 255 -5.11 18.92 -21.19
CA VAL B 255 -3.73 19.04 -21.63
C VAL B 255 -3.56 18.55 -23.05
N GLN B 256 -4.64 18.08 -23.68
CA GLN B 256 -4.54 17.43 -24.96
C GLN B 256 -3.88 18.34 -25.99
N ASP B 257 -4.26 19.62 -26.04
CA ASP B 257 -3.80 20.47 -27.14
C ASP B 257 -2.60 21.34 -26.74
N LEU B 258 -2.16 21.31 -25.46
CA LEU B 258 -1.05 22.17 -24.96
C LEU B 258 0.29 21.72 -25.53
N PRO B 259 1.29 22.61 -25.64
CA PRO B 259 2.56 22.24 -26.28
C PRO B 259 3.34 21.14 -25.54
N GLU B 260 4.05 20.34 -26.33
CA GLU B 260 4.85 19.23 -25.87
C GLU B 260 6.27 19.70 -25.50
N LEU B 261 6.74 19.24 -24.33
CA LEU B 261 8.11 19.40 -23.86
C LEU B 261 8.53 20.87 -23.95
N SER B 262 7.75 21.72 -23.28
CA SER B 262 7.82 23.14 -23.47
C SER B 262 7.17 23.88 -22.30
N TRP B 263 7.97 24.74 -21.64
CA TRP B 263 7.46 25.47 -20.48
C TRP B 263 6.51 26.54 -20.95
N PRO B 264 5.43 26.78 -20.18
CA PRO B 264 4.56 27.90 -20.43
C PRO B 264 5.37 29.17 -20.15
N GLU B 265 4.97 30.26 -20.80
CA GLU B 265 5.64 31.52 -20.73
C GLU B 265 5.06 32.20 -19.48
N ALA B 266 5.95 32.41 -18.50
CA ALA B 266 5.62 33.13 -17.28
C ALA B 266 5.34 34.59 -17.63
CL CL C . -4.49 -30.78 10.70
C4 D5W D . 5.62 4.39 -10.09
C5 D5W D . 5.52 3.03 -10.45
C6 D5W D . 4.49 2.24 -9.96
N1 D5W D . 3.58 2.77 -9.13
N3 D5W D . 4.69 4.89 -9.26
CAJ D5W D . 9.63 5.43 -18.18
CAK D5W D . 9.80 4.83 -19.45
CLA D5W D . 8.78 3.49 -20.09
CAL D5W D . 10.81 5.23 -20.31
CAM D5W D . 11.66 6.25 -19.94
CLB D5W D . 12.93 6.70 -21.13
CAN D5W D . 11.49 6.87 -18.68
CAI D5W D . 10.48 6.47 -17.75
CAH D5W D . 10.35 7.19 -16.39
NAU D5W D . 11.56 7.09 -15.47
CAW D5W D . 11.49 8.13 -14.42
CAV D5W D . 12.90 7.19 -16.12
CAG D5W D . 9.16 6.86 -15.45
OAQ D5W D . 8.41 7.77 -15.08
N D5W D . 8.95 5.59 -15.05
CA D5W D . 7.75 5.12 -14.32
CB D5W D . 7.24 3.86 -15.09
CG2 D5W D . 8.08 2.61 -14.84
CG1 D5W D . 5.74 3.56 -14.86
CD1 D5W D . 4.76 4.46 -15.61
C D5W D . 7.86 4.92 -12.79
O D5W D . 8.83 4.38 -12.23
NAF D5W D . 6.81 5.36 -12.05
CAX D5W D . 6.74 5.29 -10.60
C2 D5W D . 3.70 4.08 -8.79
CBE D5W D . 2.71 4.71 -7.89
NBF D5W D . 1.80 3.96 -7.35
CL CL E . 6.14 30.47 -11.71
#